data_8DST
# 
_entry.id   8DST 
# 
_audit_conform.dict_name       mmcif_pdbx.dic 
_audit_conform.dict_version    5.398 
_audit_conform.dict_location   http://mmcif.pdb.org/dictionaries/ascii/mmcif_pdbx.dic 
# 
loop_
_database_2.database_id 
_database_2.database_code 
_database_2.pdbx_database_accession 
_database_2.pdbx_DOI 
PDB   8DST         pdb_00008dst 10.2210/pdb8dst/pdb 
WWPDB D_1000267304 ?            ?                   
EMDB  EMD-27688    ?            ?                   
# 
loop_
_pdbx_audit_revision_history.ordinal 
_pdbx_audit_revision_history.data_content_type 
_pdbx_audit_revision_history.major_revision 
_pdbx_audit_revision_history.minor_revision 
_pdbx_audit_revision_history.revision_date 
1 'Structure model' 1 0 2023-05-31 
2 'Structure model' 1 1 2023-06-07 
3 'Structure model' 1 2 2023-09-27 
4 'Structure model' 1 3 2024-11-13 
# 
_pdbx_audit_revision_details.ordinal             1 
_pdbx_audit_revision_details.revision_ordinal    1 
_pdbx_audit_revision_details.data_content_type   'Structure model' 
_pdbx_audit_revision_details.provider            repository 
_pdbx_audit_revision_details.type                'Initial release' 
_pdbx_audit_revision_details.description         ? 
_pdbx_audit_revision_details.details             ? 
# 
loop_
_pdbx_audit_revision_group.ordinal 
_pdbx_audit_revision_group.revision_ordinal 
_pdbx_audit_revision_group.data_content_type 
_pdbx_audit_revision_group.group 
1 2 'Structure model' 'Database references'  
2 3 'Structure model' 'Data collection'      
3 3 'Structure model' 'Database references'  
4 3 'Structure model' 'Derived calculations' 
5 4 'Structure model' 'Data collection'      
6 4 'Structure model' 'Structure summary'    
# 
loop_
_pdbx_audit_revision_category.ordinal 
_pdbx_audit_revision_category.revision_ordinal 
_pdbx_audit_revision_category.data_content_type 
_pdbx_audit_revision_category.category 
1 2 'Structure model' citation                  
2 3 'Structure model' chem_comp_atom            
3 3 'Structure model' chem_comp_bond            
4 3 'Structure model' citation                  
5 3 'Structure model' pdbx_struct_assembly      
6 4 'Structure model' em_admin                  
7 4 'Structure model' pdbx_entry_details        
8 4 'Structure model' pdbx_modification_feature 
# 
loop_
_pdbx_audit_revision_item.ordinal 
_pdbx_audit_revision_item.revision_ordinal 
_pdbx_audit_revision_item.data_content_type 
_pdbx_audit_revision_item.item 
1 2 'Structure model' '_citation.pdbx_database_id_PubMed'            
2 2 'Structure model' '_citation.title'                              
3 3 'Structure model' '_citation.journal_volume'                     
4 3 'Structure model' '_citation.page_first'                         
5 3 'Structure model' '_citation.page_last'                          
6 3 'Structure model' '_pdbx_struct_assembly.details'                
7 4 'Structure model' '_em_admin.last_update'                        
8 4 'Structure model' '_pdbx_entry_details.has_protein_modification' 
# 
_pdbx_database_status.status_code                     REL 
_pdbx_database_status.status_code_sf                  ? 
_pdbx_database_status.status_code_mr                  ? 
_pdbx_database_status.entry_id                        8DST 
_pdbx_database_status.recvd_initial_deposition_date   2022-07-22 
_pdbx_database_status.SG_entry                        N 
_pdbx_database_status.deposit_site                    RCSB 
_pdbx_database_status.process_site                    RCSB 
_pdbx_database_status.status_code_cs                  ? 
_pdbx_database_status.status_code_nmr_data            ? 
_pdbx_database_status.methods_development_category    ? 
_pdbx_database_status.pdb_format_compatible           Y 
# 
_pdbx_database_related.db_name        EMDB 
_pdbx_database_related.details        'Cryo-EM of NBD-ffsy filaments (class 2)' 
_pdbx_database_related.db_id          EMD-27688 
_pdbx_database_related.content_type   'associated EM volume' 
# 
_pdbx_contact_author.id                 2 
_pdbx_contact_author.email              egelman@virginia.edu 
_pdbx_contact_author.name_first         Edward 
_pdbx_contact_author.name_last          Egelman 
_pdbx_contact_author.name_mi            ? 
_pdbx_contact_author.role               'principal investigator/group leader' 
_pdbx_contact_author.identifier_ORCID   0000-0003-4844-5212 
# 
loop_
_audit_author.name 
_audit_author.pdbx_ordinal 
_audit_author.identifier_ORCID 
'Wang, F.'      1 0000-0003-1008-663X 
'Guo, J.'       2 ?                   
'Xu, B.'        3 ?                   
'Egelman, E.H.' 4 ?                   
# 
_citation.abstract                  ? 
_citation.abstract_id_CAS           ? 
_citation.book_id_ISBN              ? 
_citation.book_publisher            ? 
_citation.book_publisher_city       ? 
_citation.book_title                ? 
_citation.coordinate_linkage        ? 
_citation.country                   UK 
_citation.database_id_Medline       ? 
_citation.details                   ? 
_citation.id                        primary 
_citation.journal_abbrev            'Nat Nanotechnol' 
_citation.journal_id_ASTM           ? 
_citation.journal_id_CSD            ? 
_citation.journal_id_ISSN           1748-3395 
_citation.journal_full              ? 
_citation.journal_issue             ? 
_citation.journal_volume            18 
_citation.language                  ? 
_citation.page_first                1094 
_citation.page_last                 1104 
_citation.title                     'Cell spheroid creation by transcytotic intercellular gelation.' 
_citation.year                      2023 
_citation.database_id_CSD           ? 
_citation.pdbx_database_id_DOI      10.1038/s41565-023-01401-7 
_citation.pdbx_database_id_PubMed   37217766 
_citation.pdbx_database_id_patent   ? 
_citation.unpublished_flag          ? 
# 
loop_
_citation_author.citation_id 
_citation_author.name 
_citation_author.ordinal 
_citation_author.identifier_ORCID 
primary 'Guo, J.'       1 ? 
primary 'Wang, F.'      2 ? 
primary 'Huang, Y.'     3 ? 
primary 'He, H.'        4 ? 
primary 'Tan, W.'       5 ? 
primary 'Yi, M.'        6 ? 
primary 'Egelman, E.H.' 7 ? 
primary 'Xu, B.'        8 ? 
# 
_entity.id                         1 
_entity.type                       polymer 
_entity.src_method                 syn 
_entity.pdbx_description           'NBD-ffsy peptide' 
_entity.formula_weight             796.783 
_entity.pdbx_number_of_molecules   6 
_entity.pdbx_ec                    ? 
_entity.pdbx_mutation              ? 
_entity.pdbx_fragment              ? 
_entity.details                    ? 
# 
_entity_poly.entity_id                      1 
_entity_poly.type                           'polypeptide(D)' 
_entity_poly.nstd_linkage                   no 
_entity_poly.nstd_monomer                   yes 
_entity_poly.pdbx_seq_one_letter_code       '(UQ4)(DPN)(DPN)(DSN)(DTY)' 
_entity_poly.pdbx_seq_one_letter_code_can   XFFSY 
_entity_poly.pdbx_strand_id                 A,B,C,D,E,F 
_entity_poly.pdbx_target_identifier         ? 
# 
loop_
_entity_poly_seq.entity_id 
_entity_poly_seq.num 
_entity_poly_seq.mon_id 
_entity_poly_seq.hetero 
1 1 UQ4 n 
1 2 DPN n 
1 3 DPN n 
1 4 DSN n 
1 5 DTY n 
# 
_pdbx_entity_src_syn.entity_id              1 
_pdbx_entity_src_syn.pdbx_src_id            1 
_pdbx_entity_src_syn.pdbx_alt_source_flag   sample 
_pdbx_entity_src_syn.pdbx_beg_seq_num       1 
_pdbx_entity_src_syn.pdbx_end_seq_num       5 
_pdbx_entity_src_syn.organism_scientific    'synthetic construct' 
_pdbx_entity_src_syn.organism_common_name   ? 
_pdbx_entity_src_syn.ncbi_taxonomy_id       32630 
_pdbx_entity_src_syn.details                ? 
# 
loop_
_chem_comp.id 
_chem_comp.type 
_chem_comp.mon_nstd_flag 
_chem_comp.name 
_chem_comp.pdbx_synonyms 
_chem_comp.formula 
_chem_comp.formula_weight 
DPN 'D-peptide linking' . D-PHENYLALANINE                                     ? 'C9 H11 N O2' 165.189 
DSN 'D-peptide linking' . D-SERINE                                            ? 'C3 H7 N O3'  105.093 
DTY 'D-peptide linking' . D-TYROSINE                                          ? 'C9 H11 N O3' 181.189 
UQ4 non-polymer         . 'N-(7-nitro-2,1,3-benzoxadiazol-4-yl)-beta-alanine' ? 'C9 H8 N4 O5' 252.184 
# 
loop_
_pdbx_poly_seq_scheme.asym_id 
_pdbx_poly_seq_scheme.entity_id 
_pdbx_poly_seq_scheme.seq_id 
_pdbx_poly_seq_scheme.mon_id 
_pdbx_poly_seq_scheme.ndb_seq_num 
_pdbx_poly_seq_scheme.pdb_seq_num 
_pdbx_poly_seq_scheme.auth_seq_num 
_pdbx_poly_seq_scheme.pdb_mon_id 
_pdbx_poly_seq_scheme.auth_mon_id 
_pdbx_poly_seq_scheme.pdb_strand_id 
_pdbx_poly_seq_scheme.pdb_ins_code 
_pdbx_poly_seq_scheme.hetero 
A 1 1 UQ4 1 1 1 UQ4 UQ4 A . n 
A 1 2 DPN 2 2 2 DPN DPN A . n 
A 1 3 DPN 3 3 3 DPN DPN A . n 
A 1 4 DSN 4 4 4 DSN DSN A . n 
A 1 5 DTY 5 5 5 DTY DTY A . n 
B 1 1 UQ4 1 1 1 UQ4 UQ4 B . n 
B 1 2 DPN 2 2 2 DPN DPN B . n 
B 1 3 DPN 3 3 3 DPN DPN B . n 
B 1 4 DSN 4 4 4 DSN DSN B . n 
B 1 5 DTY 5 5 5 DTY DTY B . n 
C 1 1 UQ4 1 1 1 UQ4 UQ4 C . n 
C 1 2 DPN 2 2 2 DPN DPN C . n 
C 1 3 DPN 3 3 3 DPN DPN C . n 
C 1 4 DSN 4 4 4 DSN DSN C . n 
C 1 5 DTY 5 5 5 DTY DTY C . n 
D 1 1 UQ4 1 1 1 UQ4 UQ4 D . n 
D 1 2 DPN 2 2 2 DPN DPN D . n 
D 1 3 DPN 3 3 3 DPN DPN D . n 
D 1 4 DSN 4 4 4 DSN DSN D . n 
D 1 5 DTY 5 5 5 DTY DTY D . n 
E 1 1 UQ4 1 1 1 UQ4 UQ4 E . n 
E 1 2 DPN 2 2 2 DPN DPN E . n 
E 1 3 DPN 3 3 3 DPN DPN E . n 
E 1 4 DSN 4 4 4 DSN DSN E . n 
E 1 5 DTY 5 5 5 DTY DTY E . n 
F 1 1 UQ4 1 1 1 UQ4 UQ4 F . n 
F 1 2 DPN 2 2 2 DPN DPN F . n 
F 1 3 DPN 3 3 3 DPN DPN F . n 
F 1 4 DSN 4 4 4 DSN DSN F . n 
F 1 5 DTY 5 5 5 DTY DTY F . n 
# 
_exptl.absorpt_coefficient_mu     ? 
_exptl.absorpt_correction_T_max   ? 
_exptl.absorpt_correction_T_min   ? 
_exptl.absorpt_correction_type    ? 
_exptl.absorpt_process_details    ? 
_exptl.entry_id                   8DST 
_exptl.crystals_number            ? 
_exptl.details                    ? 
_exptl.method                     'ELECTRON MICROSCOPY' 
_exptl.method_details             ? 
# 
_struct.entry_id                     8DST 
_struct.title                        'Cryo-EM of NBD-ffsy filaments (class 2)' 
_struct.pdbx_model_details           ? 
_struct.pdbx_formula_weight          ? 
_struct.pdbx_formula_weight_method   ? 
_struct.pdbx_model_type_details      ? 
_struct.pdbx_CASP_flag               N 
# 
_struct_keywords.entry_id        8DST 
_struct_keywords.text            
'transcytosis, hydrogel, peptides, nanofibers, spheroids, self-assembly peptide filament, PROTEIN FIBRIL' 
_struct_keywords.pdbx_keywords   'PROTEIN FIBRIL' 
# 
loop_
_struct_asym.id 
_struct_asym.pdbx_blank_PDB_chainid_flag 
_struct_asym.pdbx_modified 
_struct_asym.entity_id 
_struct_asym.details 
A N N 1 ? 
B N N 1 ? 
C N N 1 ? 
D N N 1 ? 
E N N 1 ? 
F N N 1 ? 
# 
_struct_ref.id                         1 
_struct_ref.db_name                    PDB 
_struct_ref.db_code                    8DST 
_struct_ref.pdbx_db_accession          8DST 
_struct_ref.pdbx_db_isoform            ? 
_struct_ref.entity_id                  1 
_struct_ref.pdbx_seq_one_letter_code   ? 
_struct_ref.pdbx_align_begin           1 
# 
loop_
_struct_ref_seq.align_id 
_struct_ref_seq.ref_id 
_struct_ref_seq.pdbx_PDB_id_code 
_struct_ref_seq.pdbx_strand_id 
_struct_ref_seq.seq_align_beg 
_struct_ref_seq.pdbx_seq_align_beg_ins_code 
_struct_ref_seq.seq_align_end 
_struct_ref_seq.pdbx_seq_align_end_ins_code 
_struct_ref_seq.pdbx_db_accession 
_struct_ref_seq.db_align_beg 
_struct_ref_seq.pdbx_db_align_beg_ins_code 
_struct_ref_seq.db_align_end 
_struct_ref_seq.pdbx_db_align_end_ins_code 
_struct_ref_seq.pdbx_auth_seq_align_beg 
_struct_ref_seq.pdbx_auth_seq_align_end 
1 1 8DST A 1 ? 5 ? 8DST 1 ? 5 ? 1 5 
2 1 8DST B 1 ? 5 ? 8DST 1 ? 5 ? 1 5 
3 1 8DST C 1 ? 5 ? 8DST 1 ? 5 ? 1 5 
4 1 8DST D 1 ? 5 ? 8DST 1 ? 5 ? 1 5 
5 1 8DST E 1 ? 5 ? 8DST 1 ? 5 ? 1 5 
6 1 8DST F 1 ? 5 ? 8DST 1 ? 5 ? 1 5 
# 
_pdbx_struct_assembly.id                   1 
_pdbx_struct_assembly.details              author_and_software_defined_assembly 
_pdbx_struct_assembly.method_details       'UCSF CHIMERA 1.15_b42258.' 
_pdbx_struct_assembly.oligomeric_details   54-meric 
_pdbx_struct_assembly.oligomeric_count     54 
# 
_pdbx_struct_assembly_gen.assembly_id       1 
_pdbx_struct_assembly_gen.oper_expression   1,2,3,4,5,6,7,8,9 
_pdbx_struct_assembly_gen.asym_id_list      A,B,C,D,E,F 
# 
_pdbx_struct_assembly_auth_evidence.id                     1 
_pdbx_struct_assembly_auth_evidence.assembly_id            1 
_pdbx_struct_assembly_auth_evidence.experimental_support   microscopy 
_pdbx_struct_assembly_auth_evidence.details                ? 
# 
loop_
_pdbx_struct_oper_list.id 
_pdbx_struct_oper_list.type 
_pdbx_struct_oper_list.name 
_pdbx_struct_oper_list.symmetry_operation 
_pdbx_struct_oper_list.matrix[1][1] 
_pdbx_struct_oper_list.matrix[1][2] 
_pdbx_struct_oper_list.matrix[1][3] 
_pdbx_struct_oper_list.vector[1] 
_pdbx_struct_oper_list.matrix[2][1] 
_pdbx_struct_oper_list.matrix[2][2] 
_pdbx_struct_oper_list.matrix[2][3] 
_pdbx_struct_oper_list.vector[2] 
_pdbx_struct_oper_list.matrix[3][1] 
_pdbx_struct_oper_list.matrix[3][2] 
_pdbx_struct_oper_list.matrix[3][3] 
_pdbx_struct_oper_list.vector[3] 
1 'identity operation'         1_555 x,y,z 1.000000    0.000000    0.000000    0.00000   -0.000000   1.000000   -0.000000   0.00000  -0.000000   0.000000    1.000000    0.00000   
2 'helical symmetry operation' ?     ?     0.99972030  0.00657300  -0.02272306 2.20594   -0.00619699 0.99984332 0.01658469  4.08255  0.02282847  -0.01643929 0.99960438  1.41860   
3 'helical symmetry operation' ?     ?     0.99972030  -0.00619699 0.02282847  -2.21242  0.00657300  0.99984332 -0.01643929 -4.07311 -0.02272306 0.01658469  0.99960438  -1.43563  
4 'helical symmetry operation' ?     ?     -0.02519623 0.87750486  -0.47890587 -24.98809 0.50067712  0.42572145 0.75371343  29.62237 0.86526761  -0.22078659 -0.45007322 -19.35848 
5 'helical symmetry operation' ?     ?     -0.00853920 0.86958104  -0.49371711 -27.81896 0.48620872  0.43505213 0.75784637  25.69863 0.87380138  -0.23357835 -0.42651293 -19.72738 
6 'helical symmetry operation' ?     ?     0.00839816  0.86130972  -0.50801039 -30.63314 0.47171219  0.44453881 0.76149388  21.76299 0.88171217  -0.24603007 -0.40255697 -20.09688 
7 'helical symmetry operation' ?     ?     0.00839691  0.47171206  0.88171265  7.71106   0.86130910  0.44454017 -0.24602898 11.76575 -0.50801164 0.76149279  -0.40255708 -40.22446 
8 'helical symmetry operation' ?     ?     -0.00853920 0.48620872  0.87380138  4.50537   0.86958104  0.43505213 -0.23357835 8.40271  -0.49371711 0.75784637  -0.42651293 -41.62427 
9 'helical symmetry operation' ?     ?     -0.02519581 0.50067770  0.86526777  1.28944   0.87750465  0.42572115 -0.22078668 5.04217  -0.47890619 0.75371299  -0.45007334 -43.00644  
# 
loop_
_struct_conn.id 
_struct_conn.conn_type_id 
_struct_conn.pdbx_leaving_atom_flag 
_struct_conn.pdbx_PDB_id 
_struct_conn.ptnr1_label_asym_id 
_struct_conn.ptnr1_label_comp_id 
_struct_conn.ptnr1_label_seq_id 
_struct_conn.ptnr1_label_atom_id 
_struct_conn.pdbx_ptnr1_label_alt_id 
_struct_conn.pdbx_ptnr1_PDB_ins_code 
_struct_conn.pdbx_ptnr1_standard_comp_id 
_struct_conn.ptnr1_symmetry 
_struct_conn.ptnr2_label_asym_id 
_struct_conn.ptnr2_label_comp_id 
_struct_conn.ptnr2_label_seq_id 
_struct_conn.ptnr2_label_atom_id 
_struct_conn.pdbx_ptnr2_label_alt_id 
_struct_conn.pdbx_ptnr2_PDB_ins_code 
_struct_conn.ptnr1_auth_asym_id 
_struct_conn.ptnr1_auth_comp_id 
_struct_conn.ptnr1_auth_seq_id 
_struct_conn.ptnr2_auth_asym_id 
_struct_conn.ptnr2_auth_comp_id 
_struct_conn.ptnr2_auth_seq_id 
_struct_conn.ptnr2_symmetry 
_struct_conn.pdbx_ptnr3_label_atom_id 
_struct_conn.pdbx_ptnr3_label_seq_id 
_struct_conn.pdbx_ptnr3_label_comp_id 
_struct_conn.pdbx_ptnr3_label_asym_id 
_struct_conn.pdbx_ptnr3_label_alt_id 
_struct_conn.pdbx_ptnr3_PDB_ins_code 
_struct_conn.details 
_struct_conn.pdbx_dist_value 
_struct_conn.pdbx_value_order 
_struct_conn.pdbx_role 
covale1  covale both ? A UQ4 1 C02 ? ? ? 1_555 A DPN 2 N ? ? A UQ4 1 A DPN 2 1_555 ? ? ? ? ? ? ? 1.326 ? ? 
covale2  covale both ? A DPN 2 C   ? ? ? 1_555 A DPN 3 N ? ? A DPN 2 A DPN 3 1_555 ? ? ? ? ? ? ? 1.330 ? ? 
covale3  covale both ? A DPN 3 C   ? ? ? 1_555 A DSN 4 N ? ? A DPN 3 A DSN 4 1_555 ? ? ? ? ? ? ? 1.328 ? ? 
covale4  covale both ? A DSN 4 C   ? ? ? 1_555 A DTY 5 N ? ? A DSN 4 A DTY 5 1_555 ? ? ? ? ? ? ? 1.325 ? ? 
covale5  covale both ? B UQ4 1 C02 ? ? ? 1_555 B DPN 2 N ? ? B UQ4 1 B DPN 2 1_555 ? ? ? ? ? ? ? 1.327 ? ? 
covale6  covale both ? B DPN 2 C   ? ? ? 1_555 B DPN 3 N ? ? B DPN 2 B DPN 3 1_555 ? ? ? ? ? ? ? 1.329 ? ? 
covale7  covale both ? B DPN 3 C   ? ? ? 1_555 B DSN 4 N ? ? B DPN 3 B DSN 4 1_555 ? ? ? ? ? ? ? 1.328 ? ? 
covale8  covale both ? B DSN 4 C   ? ? ? 1_555 B DTY 5 N ? ? B DSN 4 B DTY 5 1_555 ? ? ? ? ? ? ? 1.325 ? ? 
covale9  covale both ? C UQ4 1 C02 ? ? ? 1_555 C DPN 2 N ? ? C UQ4 1 C DPN 2 1_555 ? ? ? ? ? ? ? 1.326 ? ? 
covale10 covale both ? C DPN 2 C   ? ? ? 1_555 C DPN 3 N ? ? C DPN 2 C DPN 3 1_555 ? ? ? ? ? ? ? 1.329 ? ? 
covale11 covale both ? C DPN 3 C   ? ? ? 1_555 C DSN 4 N ? ? C DPN 3 C DSN 4 1_555 ? ? ? ? ? ? ? 1.329 ? ? 
covale12 covale both ? C DSN 4 C   ? ? ? 1_555 C DTY 5 N ? ? C DSN 4 C DTY 5 1_555 ? ? ? ? ? ? ? 1.324 ? ? 
covale13 covale both ? D UQ4 1 C02 ? ? ? 1_555 D DPN 2 N ? ? D UQ4 1 D DPN 2 1_555 ? ? ? ? ? ? ? 1.326 ? ? 
covale14 covale both ? D DPN 2 C   ? ? ? 1_555 D DPN 3 N ? ? D DPN 2 D DPN 3 1_555 ? ? ? ? ? ? ? 1.329 ? ? 
covale15 covale both ? D DPN 3 C   ? ? ? 1_555 D DSN 4 N ? ? D DPN 3 D DSN 4 1_555 ? ? ? ? ? ? ? 1.328 ? ? 
covale16 covale both ? D DSN 4 C   ? ? ? 1_555 D DTY 5 N ? ? D DSN 4 D DTY 5 1_555 ? ? ? ? ? ? ? 1.324 ? ? 
covale17 covale both ? E UQ4 1 C02 ? ? ? 1_555 E DPN 2 N ? ? E UQ4 1 E DPN 2 1_555 ? ? ? ? ? ? ? 1.325 ? ? 
covale18 covale both ? E DPN 2 C   ? ? ? 1_555 E DPN 3 N ? ? E DPN 2 E DPN 3 1_555 ? ? ? ? ? ? ? 1.328 ? ? 
covale19 covale both ? E DPN 3 C   ? ? ? 1_555 E DSN 4 N ? ? E DPN 3 E DSN 4 1_555 ? ? ? ? ? ? ? 1.328 ? ? 
covale20 covale both ? E DSN 4 C   ? ? ? 1_555 E DTY 5 N ? ? E DSN 4 E DTY 5 1_555 ? ? ? ? ? ? ? 1.326 ? ? 
covale21 covale both ? F UQ4 1 C02 ? ? ? 1_555 F DPN 2 N ? ? F UQ4 1 F DPN 2 1_555 ? ? ? ? ? ? ? 1.326 ? ? 
covale22 covale both ? F DPN 2 C   ? ? ? 1_555 F DPN 3 N ? ? F DPN 2 F DPN 3 1_555 ? ? ? ? ? ? ? 1.329 ? ? 
covale23 covale both ? F DPN 3 C   ? ? ? 1_555 F DSN 4 N ? ? F DPN 3 F DSN 4 1_555 ? ? ? ? ? ? ? 1.328 ? ? 
covale24 covale both ? F DSN 4 C   ? ? ? 1_555 F DTY 5 N ? ? F DSN 4 F DTY 5 1_555 ? ? ? ? ? ? ? 1.325 ? ? 
# 
_struct_conn_type.id          covale 
_struct_conn_type.criteria    ? 
_struct_conn_type.reference   ? 
# 
loop_
_pdbx_modification_feature.ordinal 
_pdbx_modification_feature.label_comp_id 
_pdbx_modification_feature.label_asym_id 
_pdbx_modification_feature.label_seq_id 
_pdbx_modification_feature.label_alt_id 
_pdbx_modification_feature.modified_residue_label_comp_id 
_pdbx_modification_feature.modified_residue_label_asym_id 
_pdbx_modification_feature.modified_residue_label_seq_id 
_pdbx_modification_feature.modified_residue_label_alt_id 
_pdbx_modification_feature.auth_comp_id 
_pdbx_modification_feature.auth_asym_id 
_pdbx_modification_feature.auth_seq_id 
_pdbx_modification_feature.PDB_ins_code 
_pdbx_modification_feature.symmetry 
_pdbx_modification_feature.modified_residue_auth_comp_id 
_pdbx_modification_feature.modified_residue_auth_asym_id 
_pdbx_modification_feature.modified_residue_auth_seq_id 
_pdbx_modification_feature.modified_residue_PDB_ins_code 
_pdbx_modification_feature.modified_residue_symmetry 
_pdbx_modification_feature.comp_id_linking_atom 
_pdbx_modification_feature.modified_residue_id_linking_atom 
_pdbx_modification_feature.modified_residue_id 
_pdbx_modification_feature.ref_pcm_id 
_pdbx_modification_feature.ref_comp_id 
_pdbx_modification_feature.type 
_pdbx_modification_feature.category 
1 UQ4 A 1 ? . . . . UQ4 A 1 ? 1_555 . . . . . . . ? 1 UQ4 None 'Non-standard residue' 
2 UQ4 B 1 ? . . . . UQ4 B 1 ? 1_555 . . . . . . . ? 1 UQ4 None 'Non-standard residue' 
3 UQ4 C 1 ? . . . . UQ4 C 1 ? 1_555 . . . . . . . ? 1 UQ4 None 'Non-standard residue' 
4 UQ4 D 1 ? . . . . UQ4 D 1 ? 1_555 . . . . . . . ? 1 UQ4 None 'Non-standard residue' 
5 UQ4 E 1 ? . . . . UQ4 E 1 ? 1_555 . . . . . . . ? 1 UQ4 None 'Non-standard residue' 
6 UQ4 F 1 ? . . . . UQ4 F 1 ? 1_555 . . . . . . . ? 1 UQ4 None 'Non-standard residue' 
# 
_pdbx_entry_details.entry_id                   8DST 
_pdbx_entry_details.has_ligand_of_interest     N 
_pdbx_entry_details.compound_details           ? 
_pdbx_entry_details.source_details             ? 
_pdbx_entry_details.nonpolymer_details         ? 
_pdbx_entry_details.sequence_details           ? 
_pdbx_entry_details.has_protein_modification   Y 
# 
_em_3d_fitting.entry_id          8DST 
_em_3d_fitting.id                1 
_em_3d_fitting.details           ? 
_em_3d_fitting.overall_b_value   ? 
_em_3d_fitting.ref_protocol      ? 
_em_3d_fitting.ref_space         ? 
_em_3d_fitting.target_criteria   ? 
_em_3d_fitting.method            ? 
# 
_em_3d_reconstruction.entry_id                    8DST 
_em_3d_reconstruction.id                          1 
_em_3d_reconstruction.algorithm                   ? 
_em_3d_reconstruction.details                     ? 
_em_3d_reconstruction.refinement_type             ? 
_em_3d_reconstruction.image_processing_id         1 
_em_3d_reconstruction.num_class_averages          ? 
_em_3d_reconstruction.num_particles               507178 
_em_3d_reconstruction.resolution                  3.2 
_em_3d_reconstruction.resolution_method           'FSC 0.143 CUT-OFF' 
_em_3d_reconstruction.symmetry_type               HELICAL 
_em_3d_reconstruction.method                      ? 
_em_3d_reconstruction.nominal_pixel_size          ? 
_em_3d_reconstruction.actual_pixel_size           ? 
_em_3d_reconstruction.magnification_calibration   ? 
_em_3d_reconstruction.citation_id                 ? 
_em_3d_reconstruction.euler_angles_details        ? 
# 
_em_buffer.id            1 
_em_buffer.details       ? 
_em_buffer.pH            7.4 
_em_buffer.specimen_id   1 
_em_buffer.name          ? 
# 
_em_entity_assembly.id                   1 
_em_entity_assembly.parent_id            0 
_em_entity_assembly.details              ? 
_em_entity_assembly.name                 'synthetic construct' 
_em_entity_assembly.source               SYNTHETIC 
_em_entity_assembly.type                 COMPLEX 
_em_entity_assembly.entity_id_list       1 
_em_entity_assembly.synonym              ? 
_em_entity_assembly.oligomeric_details   ? 
# 
_em_imaging.id                              1 
_em_imaging.entry_id                        8DST 
_em_imaging.accelerating_voltage            300 
_em_imaging.alignment_procedure             ? 
_em_imaging.c2_aperture_diameter            ? 
_em_imaging.calibrated_defocus_max          ? 
_em_imaging.calibrated_defocus_min          ? 
_em_imaging.calibrated_magnification        ? 
_em_imaging.cryogen                         ? 
_em_imaging.details                         ? 
_em_imaging.electron_source                 'FIELD EMISSION GUN' 
_em_imaging.illumination_mode               'FLOOD BEAM' 
_em_imaging.microscope_model                'FEI TITAN KRIOS' 
_em_imaging.mode                            'BRIGHT FIELD' 
_em_imaging.nominal_cs                      ? 
_em_imaging.nominal_defocus_max             2000 
_em_imaging.nominal_defocus_min             1000 
_em_imaging.nominal_magnification           ? 
_em_imaging.recording_temperature_maximum   ? 
_em_imaging.recording_temperature_minimum   ? 
_em_imaging.residual_tilt                   ? 
_em_imaging.specimen_holder_model           ? 
_em_imaging.specimen_id                     1 
_em_imaging.citation_id                     ? 
_em_imaging.date                            ? 
_em_imaging.temperature                     ? 
_em_imaging.tilt_angle_min                  ? 
_em_imaging.tilt_angle_max                  ? 
_em_imaging.astigmatism                     ? 
_em_imaging.detector_distance               ? 
_em_imaging.electron_beam_tilt_params       ? 
_em_imaging.specimen_holder_type            ? 
# 
_em_vitrification.id                    1 
_em_vitrification.specimen_id           1 
_em_vitrification.chamber_temperature   ? 
_em_vitrification.cryogen_name          ETHANE 
_em_vitrification.details               ? 
_em_vitrification.humidity              ? 
_em_vitrification.instrument            ? 
_em_vitrification.entry_id              8DST 
_em_vitrification.citation_id           ? 
_em_vitrification.method                ? 
_em_vitrification.temp                  ? 
_em_vitrification.time_resolved_state   ? 
# 
_em_experiment.entry_id                8DST 
_em_experiment.id                      1 
_em_experiment.aggregation_state       FILAMENT 
_em_experiment.reconstruction_method   HELICAL 
_em_experiment.entity_assembly_id      1 
# 
loop_
_chem_comp_atom.comp_id 
_chem_comp_atom.atom_id 
_chem_comp_atom.type_symbol 
_chem_comp_atom.pdbx_aromatic_flag 
_chem_comp_atom.pdbx_stereo_config 
_chem_comp_atom.pdbx_ordinal 
DPN N    N N N 1  
DPN CA   C N R 2  
DPN C    C N N 3  
DPN O    O N N 4  
DPN OXT  O N N 5  
DPN CB   C N N 6  
DPN CG   C Y N 7  
DPN CD1  C Y N 8  
DPN CD2  C Y N 9  
DPN CE1  C Y N 10 
DPN CE2  C Y N 11 
DPN CZ   C Y N 12 
DPN H    H N N 13 
DPN H2   H N N 14 
DPN HA   H N N 15 
DPN HXT  H N N 16 
DPN HB2  H N N 17 
DPN HB3  H N N 18 
DPN HD1  H N N 19 
DPN HD2  H N N 20 
DPN HE1  H N N 21 
DPN HE2  H N N 22 
DPN HZ   H N N 23 
DSN N    N N N 24 
DSN CA   C N R 25 
DSN C    C N N 26 
DSN O    O N N 27 
DSN OXT  O N N 28 
DSN CB   C N N 29 
DSN OG   O N N 30 
DSN H    H N N 31 
DSN H2   H N N 32 
DSN HA   H N N 33 
DSN HXT  H N N 34 
DSN HB2  H N N 35 
DSN HB3  H N N 36 
DSN HG   H N N 37 
DTY N    N N N 38 
DTY CA   C N R 39 
DTY C    C N N 40 
DTY O    O N N 41 
DTY CB   C N N 42 
DTY CG   C Y N 43 
DTY CD1  C Y N 44 
DTY CD2  C Y N 45 
DTY CE1  C Y N 46 
DTY CE2  C Y N 47 
DTY CZ   C Y N 48 
DTY OH   O N N 49 
DTY OXT  O N N 50 
DTY H    H N N 51 
DTY H2   H N N 52 
DTY HA   H N N 53 
DTY HB2  H N N 54 
DTY HB3  H N N 55 
DTY HD1  H N N 56 
DTY HD2  H N N 57 
DTY HE1  H N N 58 
DTY HE2  H N N 59 
DTY HH   H N N 60 
DTY HXT  H N N 61 
UQ4 C02  C N N 62 
UQ4 C50  C N N 63 
UQ4 C51  C N N 64 
UQ4 C53  C Y N 65 
UQ4 C54  C Y N 66 
UQ4 C55  C Y N 67 
UQ4 C56  C Y N 68 
UQ4 C60  C Y N 69 
UQ4 C64  C Y N 70 
UQ4 N52  N N N 71 
UQ4 N57  N N N 72 
UQ4 N61  N Y N 73 
UQ4 N63  N Y N 74 
UQ4 O01  O N N 75 
UQ4 O58  O N N 76 
UQ4 O59  O N N 77 
UQ4 O62  O Y N 78 
UQ4 H501 H N N 79 
UQ4 H502 H N N 80 
UQ4 H512 H N N 81 
UQ4 H511 H N N 82 
UQ4 H541 H N N 83 
UQ4 H551 H N N 84 
UQ4 H521 H N N 85 
UQ4 OXT  O N N 86 
UQ4 HXT  H N N 87 
# 
loop_
_chem_comp_bond.comp_id 
_chem_comp_bond.atom_id_1 
_chem_comp_bond.atom_id_2 
_chem_comp_bond.value_order 
_chem_comp_bond.pdbx_aromatic_flag 
_chem_comp_bond.pdbx_stereo_config 
_chem_comp_bond.pdbx_ordinal 
DPN N   CA   sing N N 1  
DPN N   H    sing N N 2  
DPN N   H2   sing N N 3  
DPN CA  C    sing N N 4  
DPN CA  CB   sing N N 5  
DPN CA  HA   sing N N 6  
DPN C   O    doub N N 7  
DPN C   OXT  sing N N 8  
DPN OXT HXT  sing N N 9  
DPN CB  CG   sing N N 10 
DPN CB  HB2  sing N N 11 
DPN CB  HB3  sing N N 12 
DPN CG  CD1  doub Y N 13 
DPN CG  CD2  sing Y N 14 
DPN CD1 CE1  sing Y N 15 
DPN CD1 HD1  sing N N 16 
DPN CD2 CE2  doub Y N 17 
DPN CD2 HD2  sing N N 18 
DPN CE1 CZ   doub Y N 19 
DPN CE1 HE1  sing N N 20 
DPN CE2 CZ   sing Y N 21 
DPN CE2 HE2  sing N N 22 
DPN CZ  HZ   sing N N 23 
DSN N   CA   sing N N 24 
DSN N   H    sing N N 25 
DSN N   H2   sing N N 26 
DSN CA  C    sing N N 27 
DSN CA  CB   sing N N 28 
DSN CA  HA   sing N N 29 
DSN C   O    doub N N 30 
DSN C   OXT  sing N N 31 
DSN OXT HXT  sing N N 32 
DSN CB  OG   sing N N 33 
DSN CB  HB2  sing N N 34 
DSN CB  HB3  sing N N 35 
DSN OG  HG   sing N N 36 
DTY N   CA   sing N N 37 
DTY N   H    sing N N 38 
DTY N   H2   sing N N 39 
DTY CA  C    sing N N 40 
DTY CA  CB   sing N N 41 
DTY CA  HA   sing N N 42 
DTY C   O    doub N N 43 
DTY C   OXT  sing N N 44 
DTY CB  CG   sing N N 45 
DTY CB  HB2  sing N N 46 
DTY CB  HB3  sing N N 47 
DTY CG  CD1  doub Y N 48 
DTY CG  CD2  sing Y N 49 
DTY CD1 CE1  sing Y N 50 
DTY CD1 HD1  sing N N 51 
DTY CD2 CE2  doub Y N 52 
DTY CD2 HD2  sing N N 53 
DTY CE1 CZ   doub Y N 54 
DTY CE1 HE1  sing N N 55 
DTY CE2 CZ   sing Y N 56 
DTY CE2 HE2  sing N N 57 
DTY CZ  OH   sing N N 58 
DTY OH  HH   sing N N 59 
DTY OXT HXT  sing N N 60 
UQ4 C02 O01  doub N N 61 
UQ4 C02 C50  sing N N 62 
UQ4 C50 C51  sing N N 63 
UQ4 C51 N52  sing N N 64 
UQ4 C53 C64  sing Y N 65 
UQ4 C53 N52  sing N N 66 
UQ4 C53 C54  doub Y N 67 
UQ4 C54 C55  sing Y N 68 
UQ4 C55 C56  doub Y N 69 
UQ4 C56 C60  sing Y N 70 
UQ4 C56 N57  sing N N 71 
UQ4 C60 N61  doub Y N 72 
UQ4 C60 C64  sing Y N 73 
UQ4 C64 N63  doub Y N 74 
UQ4 N57 O58  doub N N 75 
UQ4 N57 O59  sing N N 76 
UQ4 N61 O62  sing Y N 77 
UQ4 N63 O62  sing Y N 78 
UQ4 C50 H501 sing N N 79 
UQ4 C50 H502 sing N N 80 
UQ4 C51 H512 sing N N 81 
UQ4 C51 H511 sing N N 82 
UQ4 C54 H541 sing N N 83 
UQ4 C55 H551 sing N N 84 
UQ4 N52 H521 sing N N 85 
UQ4 C02 OXT  sing N N 86 
UQ4 OXT HXT  sing N N 87 
# 
_em_admin.entry_id           8DST 
_em_admin.current_status     REL 
_em_admin.deposition_date    2022-07-22 
_em_admin.deposition_site    RCSB 
_em_admin.last_update        2024-11-13 
_em_admin.map_release_date   2023-05-31 
_em_admin.title              'Cryo-EM of NBD-ffsy filaments (class 2)' 
# 
_em_ctf_correction.id                       1 
_em_ctf_correction.em_image_processing_id   1 
_em_ctf_correction.type                     'PHASE FLIPPING AND AMPLITUDE CORRECTION' 
_em_ctf_correction.details                  ? 
# 
_em_entity_assembly_naturalsource.id                   2 
_em_entity_assembly_naturalsource.entity_assembly_id   1 
_em_entity_assembly_naturalsource.cell                 ? 
_em_entity_assembly_naturalsource.cellular_location    ? 
_em_entity_assembly_naturalsource.ncbi_tax_id          32630 
_em_entity_assembly_naturalsource.organ                ? 
_em_entity_assembly_naturalsource.organelle            ? 
_em_entity_assembly_naturalsource.organism             'synthetic construct' 
_em_entity_assembly_naturalsource.strain               ? 
_em_entity_assembly_naturalsource.tissue               ? 
# 
_em_helical_entity.id                             1 
_em_helical_entity.image_processing_id            1 
_em_helical_entity.angular_rotation_per_subunit   -1.65 
_em_helical_entity.axial_rise_per_subunit         4.80 
_em_helical_entity.axial_symmetry                 C1 
_em_helical_entity.details                        ? 
# 
_em_image_processing.id                   1 
_em_image_processing.image_recording_id   1 
_em_image_processing.details              ? 
# 
_em_image_recording.id                                  1 
_em_image_recording.imaging_id                          1 
_em_image_recording.avg_electron_dose_per_image         50 
_em_image_recording.average_exposure_time               ? 
_em_image_recording.details                             ? 
_em_image_recording.detector_mode                       ? 
_em_image_recording.film_or_detector_model              'GATAN K3 (6k x 4k)' 
_em_image_recording.num_diffraction_images              ? 
_em_image_recording.num_grids_imaged                    ? 
_em_image_recording.num_real_images                     ? 
_em_image_recording.avg_electron_dose_per_subtomogram   ? 
# 
loop_
_em_software.id 
_em_software.category 
_em_software.details 
_em_software.name 
_em_software.version 
_em_software.image_processing_id 
_em_software.fitting_id 
_em_software.imaging_id 
1  'PARTICLE SELECTION'       ? ? ? 1 ? ? 
2  'IMAGE ACQUISITION'        ? ? ? ? ? 1 
3  MASKING                    ? ? ? ? ? ? 
4  'CTF CORRECTION'           ? ? ? 1 ? ? 
5  'LAYERLINE INDEXING'       ? ? ? ? ? ? 
6  'DIFFRACTION INDEXING'     ? ? ? ? ? ? 
7  'MODEL FITTING'            ? ? ? ? ? ? 
8  'MODEL REFINEMENT'         ? ? ? ? ? ? 
9  OTHER                      ? ? ? ? ? ? 
10 'INITIAL EULER ASSIGNMENT' ? ? ? 1 ? ? 
11 'FINAL EULER ASSIGNMENT'   ? ? ? 1 ? ? 
12 CLASSIFICATION             ? ? ? 1 ? ? 
13 RECONSTRUCTION             ? ? ? 1 ? ? 
# 
_em_specimen.id                      1 
_em_specimen.experiment_id           1 
_em_specimen.concentration           ? 
_em_specimen.details                 ? 
_em_specimen.embedding_applied       NO 
_em_specimen.shadowing_applied       NO 
_em_specimen.staining_applied        NO 
_em_specimen.vitrification_applied   YES 
# 
loop_
_pdbx_audit_support.funding_organization 
_pdbx_audit_support.country 
_pdbx_audit_support.grant_number 
_pdbx_audit_support.ordinal 
'National Institutes of Health/National Institute of General Medical Sciences (NIH/NIGMS)' 'United States' GM122510    1 
'National Institutes of Health/National Institute of General Medical Sciences (NIH/NIGMS)' 'United States' K99GM138756 2 
'National Institutes of Health/National Cancer Institute (NIH/NCI)'                        'United States' CA142746    3 
'National Science Foundation (NSF, United States)'                                         'United States' DMR-2011846 4 
# 
_atom_sites.entry_id                    8DST 
_atom_sites.Cartn_transf_matrix[1][1]   ? 
_atom_sites.Cartn_transf_matrix[1][2]   ? 
_atom_sites.Cartn_transf_matrix[1][3]   ? 
_atom_sites.Cartn_transf_matrix[2][1]   ? 
_atom_sites.Cartn_transf_matrix[2][2]   ? 
_atom_sites.Cartn_transf_matrix[2][3]   ? 
_atom_sites.Cartn_transf_matrix[3][1]   ? 
_atom_sites.Cartn_transf_matrix[3][2]   ? 
_atom_sites.Cartn_transf_matrix[3][3]   ? 
_atom_sites.Cartn_transf_vector[1]      ? 
_atom_sites.Cartn_transf_vector[2]      ? 
_atom_sites.Cartn_transf_vector[3]      ? 
_atom_sites.fract_transf_matrix[1][1]   1.000000 
_atom_sites.fract_transf_matrix[1][2]   0.000000 
_atom_sites.fract_transf_matrix[1][3]   0.000000 
_atom_sites.fract_transf_matrix[2][1]   0.000000 
_atom_sites.fract_transf_matrix[2][2]   1.000000 
_atom_sites.fract_transf_matrix[2][3]   0.000000 
_atom_sites.fract_transf_matrix[3][1]   0.000000 
_atom_sites.fract_transf_matrix[3][2]   0.000000 
_atom_sites.fract_transf_matrix[3][3]   1.000000 
_atom_sites.fract_transf_vector[1]      0.00000 
_atom_sites.fract_transf_vector[2]      0.00000 
_atom_sites.fract_transf_vector[3]      0.00000 
_atom_sites.solution_primary            ? 
_atom_sites.solution_secondary          ? 
_atom_sites.solution_hydrogens          ? 
_atom_sites.special_details             ? 
# 
loop_
_atom_type.symbol 
C 
N 
O 
# 
loop_
_atom_site.group_PDB 
_atom_site.id 
_atom_site.type_symbol 
_atom_site.label_atom_id 
_atom_site.label_alt_id 
_atom_site.label_comp_id 
_atom_site.label_asym_id 
_atom_site.label_entity_id 
_atom_site.label_seq_id 
_atom_site.pdbx_PDB_ins_code 
_atom_site.Cartn_x 
_atom_site.Cartn_y 
_atom_site.Cartn_z 
_atom_site.occupancy 
_atom_site.B_iso_or_equiv 
_atom_site.pdbx_formal_charge 
_atom_site.auth_seq_id 
_atom_site.auth_comp_id 
_atom_site.auth_asym_id 
_atom_site.auth_atom_id 
_atom_site.pdbx_PDB_model_num 
HETATM 1   C C02 . UQ4 A 1 1 ? -3.505  -3.558  7.444   1.00 71.40 ? 1 UQ4 A C02 1 
HETATM 2   C C50 . UQ4 A 1 1 ? -4.511  -4.045  6.460   1.00 71.40 ? 1 UQ4 A C50 1 
HETATM 3   C C51 . UQ4 A 1 1 ? -3.897  -4.861  5.350   1.00 71.40 ? 1 UQ4 A C51 1 
HETATM 4   C C53 . UQ4 A 1 1 ? -2.217  -4.495  3.459   1.00 71.40 ? 1 UQ4 A C53 1 
HETATM 5   C C54 . UQ4 A 1 1 ? -2.068  -3.523  2.511   1.00 71.40 ? 1 UQ4 A C54 1 
HETATM 6   C C55 . UQ4 A 1 1 ? -1.575  -3.846  1.248   1.00 71.40 ? 1 UQ4 A C55 1 
HETATM 7   C C56 . UQ4 A 1 1 ? -1.256  -5.152  0.980   1.00 71.40 ? 1 UQ4 A C56 1 
HETATM 8   C C60 . UQ4 A 1 1 ? -1.400  -6.137  1.920   1.00 71.40 ? 1 UQ4 A C60 1 
HETATM 9   C C64 . UQ4 A 1 1 ? -1.895  -5.806  3.190   1.00 71.40 ? 1 UQ4 A C64 1 
HETATM 10  N N52 . UQ4 A 1 1 ? -2.749  -4.098  4.805   1.00 71.40 ? 1 UQ4 A N52 1 
HETATM 11  N N57 . UQ4 A 1 1 ? -0.734  -5.492  -0.335  1.00 71.40 ? 1 UQ4 A N57 1 
HETATM 12  N N61 . UQ4 A 1 1 ? -1.165  -7.462  1.939   1.00 71.40 ? 1 UQ4 A N61 1 
HETATM 13  N N63 . UQ4 A 1 1 ? -1.931  -6.953  3.896   1.00 71.40 ? 1 UQ4 A N63 1 
HETATM 14  O O01 . UQ4 A 1 1 ? -3.661  -2.501  7.943   1.00 71.40 ? 1 UQ4 A O01 1 
HETATM 15  O O58 . UQ4 A 1 1 ? -1.254  -4.860  -1.461  1.00 71.40 ? 1 UQ4 A O58 1 
HETATM 16  O O59 . UQ4 A 1 1 ? 0.119   -6.277  -0.404  1.00 71.40 ? 1 UQ4 A O59 1 
HETATM 17  O O62 . UQ4 A 1 1 ? -1.492  -7.910  3.121   1.00 71.40 ? 1 UQ4 A O62 1 
HETATM 18  N N   . DPN A 1 2 ? -2.480  -4.349  7.727   1.00 62.56 ? 2 DPN A N   1 
HETATM 19  C CA  . DPN A 1 2 ? -1.496  -3.940  8.716   1.00 62.56 ? 2 DPN A CA  1 
HETATM 20  C C   . DPN A 1 2 ? -1.418  -4.944  9.847   1.00 62.56 ? 2 DPN A C   1 
HETATM 21  O O   . DPN A 1 2 ? -1.675  -6.129  9.656   1.00 62.56 ? 2 DPN A O   1 
HETATM 22  C CB  . DPN A 1 2 ? -0.122  -3.776  8.085   1.00 62.56 ? 2 DPN A CB  1 
HETATM 23  C CG  . DPN A 1 2 ? 0.576   -5.065  7.812   1.00 62.56 ? 2 DPN A CG  1 
HETATM 24  C CD1 . DPN A 1 2 ? 0.228   -5.835  6.725   1.00 62.56 ? 2 DPN A CD1 1 
HETATM 25  C CD2 . DPN A 1 2 ? 1.593   -5.502  8.639   1.00 62.56 ? 2 DPN A CD2 1 
HETATM 26  C CE1 . DPN A 1 2 ? 0.876   -7.015  6.473   1.00 62.56 ? 2 DPN A CE1 1 
HETATM 27  C CE2 . DPN A 1 2 ? 2.242   -6.681  8.389   1.00 62.56 ? 2 DPN A CE2 1 
HETATM 28  C CZ  . DPN A 1 2 ? 1.882   -7.441  7.306   1.00 62.56 ? 2 DPN A CZ  1 
HETATM 29  N N   . DPN A 1 3 ? -1.057  -4.458  11.031  1.00 55.89 ? 3 DPN A N   1 
HETATM 30  C CA  . DPN A 1 3 ? -0.967  -5.286  12.221  1.00 55.89 ? 3 DPN A CA  1 
HETATM 31  C C   . DPN A 1 3 ? 0.495   -5.373  12.624  1.00 55.89 ? 3 DPN A C   1 
HETATM 32  O O   . DPN A 1 3 ? 1.168   -4.348  12.768  1.00 55.89 ? 3 DPN A O   1 
HETATM 33  C CB  . DPN A 1 3 ? -1.798  -4.714  13.368  1.00 55.89 ? 3 DPN A CB  1 
HETATM 34  C CG  . DPN A 1 3 ? -3.282  -4.723  13.126  1.00 55.89 ? 3 DPN A CG  1 
HETATM 35  C CD1 . DPN A 1 3 ? -3.811  -5.055  11.896  1.00 55.89 ? 3 DPN A CD1 1 
HETATM 36  C CD2 . DPN A 1 3 ? -4.148  -4.399  14.149  1.00 55.89 ? 3 DPN A CD2 1 
HETATM 37  C CE1 . DPN A 1 3 ? -5.165  -5.060  11.687  1.00 55.89 ? 3 DPN A CE1 1 
HETATM 38  C CE2 . DPN A 1 3 ? -5.506  -4.407  13.946  1.00 55.89 ? 3 DPN A CE2 1 
HETATM 39  C CZ  . DPN A 1 3 ? -6.016  -4.736  12.713  1.00 55.89 ? 3 DPN A CZ  1 
HETATM 40  N N   . DSN A 1 4 ? 0.984   -6.593  12.811  1.00 51.48 ? 4 DSN A N   1 
HETATM 41  C CA  . DSN A 1 4 ? 2.340   -6.826  13.293  1.00 51.48 ? 4 DSN A CA  1 
HETATM 42  C C   . DSN A 1 4 ? 2.255   -7.687  14.544  1.00 51.48 ? 4 DSN A C   1 
HETATM 43  O O   . DSN A 1 4 ? 2.208   -8.915  14.478  1.00 51.48 ? 4 DSN A O   1 
HETATM 44  C CB  . DSN A 1 4 ? 3.202   -7.481  12.229  1.00 51.48 ? 4 DSN A CB  1 
HETATM 45  O OG  . DSN A 1 4 ? 4.557   -7.517  12.645  1.00 51.48 ? 4 DSN A OG  1 
HETATM 46  N N   . DTY A 1 5 ? 2.242   -7.029  15.694  1.00 48.05 ? 5 DTY A N   1 
HETATM 47  C CA  . DTY A 1 5 ? 2.149   -7.726  16.963  1.00 48.05 ? 5 DTY A CA  1 
HETATM 48  C C   . DTY A 1 5 ? 3.491   -8.328  17.348  1.00 48.05 ? 5 DTY A C   1 
HETATM 49  O O   . DTY A 1 5 ? 4.481   -8.152  16.642  1.00 48.05 ? 5 DTY A O   1 
HETATM 50  C CB  . DTY A 1 5 ? 1.662   -6.775  18.050  1.00 48.05 ? 5 DTY A CB  1 
HETATM 51  C CG  . DTY A 1 5 ? 0.238   -6.326  17.856  1.00 48.05 ? 5 DTY A CG  1 
HETATM 52  C CD1 . DTY A 1 5 ? -0.814  -7.053  18.379  1.00 48.05 ? 5 DTY A CD1 1 
HETATM 53  C CD2 . DTY A 1 5 ? -0.053  -5.181  17.139  1.00 48.05 ? 5 DTY A CD2 1 
HETATM 54  C CE1 . DTY A 1 5 ? -2.115  -6.644  18.204  1.00 48.05 ? 5 DTY A CE1 1 
HETATM 55  C CE2 . DTY A 1 5 ? -1.350  -4.767  16.956  1.00 48.05 ? 5 DTY A CE2 1 
HETATM 56  C CZ  . DTY A 1 5 ? -2.378  -5.502  17.490  1.00 48.05 ? 5 DTY A CZ  1 
HETATM 57  O OH  . DTY A 1 5 ? -3.676  -5.092  17.308  1.00 48.05 ? 5 DTY A OH  1 
HETATM 58  C C02 . UQ4 B 1 1 ? 4.198   -6.056  4.770   1.00 65.98 ? 1 UQ4 B C02 1 
HETATM 59  C C50 . UQ4 B 1 1 ? 2.910   -6.440  4.127   1.00 65.98 ? 1 UQ4 B C50 1 
HETATM 60  C C51 . UQ4 B 1 1 ? 3.034   -6.632  2.638   1.00 65.98 ? 1 UQ4 B C51 1 
HETATM 61  C C53 . UQ4 B 1 1 ? 3.625   -5.199  0.603   1.00 65.98 ? 1 UQ4 B C53 1 
HETATM 62  C C54 . UQ4 B 1 1 ? 3.228   -3.963  0.179   1.00 65.98 ? 1 UQ4 B C54 1 
HETATM 63  C C55 . UQ4 B 1 1 ? 3.124   -3.692  -1.185  1.00 65.98 ? 1 UQ4 B C55 1 
HETATM 64  C C56 . UQ4 B 1 1 ? 3.419   -4.688  -2.079  1.00 65.98 ? 1 UQ4 B C56 1 
HETATM 65  C C60 . UQ4 B 1 1 ? 3.818   -5.931  -1.667  1.00 65.98 ? 1 UQ4 B C60 1 
HETATM 66  C C64 . UQ4 B 1 1 ? 3.922   -6.199  -0.296  1.00 65.98 ? 1 UQ4 B C64 1 
HETATM 67  N N52 . UQ4 B 1 1 ? 3.724   -5.443  2.080   1.00 65.98 ? 1 UQ4 B N52 1 
HETATM 68  N N57 . UQ4 B 1 1 ? 3.318   -4.407  -3.503  1.00 65.98 ? 1 UQ4 B N57 1 
HETATM 69  N N61 . UQ4 B 1 1 ? 4.170   -7.065  -2.302  1.00 65.98 ? 1 UQ4 B N61 1 
HETATM 70  N N63 . UQ4 B 1 1 ? 4.328   -7.480  -0.185  1.00 65.98 ? 1 UQ4 B N63 1 
HETATM 71  O O01 . UQ4 B 1 1 ? 4.177   -5.316  5.688   1.00 65.98 ? 1 UQ4 B O01 1 
HETATM 72  O O58 . UQ4 B 1 1 ? 2.281   -3.602  -3.969  1.00 65.98 ? 1 UQ4 B O58 1 
HETATM 73  O O59 . UQ4 B 1 1 ? 4.122   -4.853  -4.213  1.00 65.98 ? 1 UQ4 B O59 1 
HETATM 74  O O62 . UQ4 B 1 1 ? 4.462   -7.957  -1.395  1.00 65.98 ? 1 UQ4 B O62 1 
HETATM 75  N N   . DPN B 1 2 ? 5.316   -6.579  4.285   1.00 60.51 ? 2 DPN B N   1 
HETATM 76  C CA  . DPN B 1 2 ? 6.593   -6.272  4.906   1.00 60.51 ? 2 DPN B CA  1 
HETATM 77  C C   . DPN B 1 2 ? 7.277   -7.534  5.384   1.00 60.51 ? 2 DPN B C   1 
HETATM 78  O O   . DPN B 1 2 ? 7.085   -8.609  4.821   1.00 60.51 ? 2 DPN B O   1 
HETATM 79  C CB  . DPN B 1 2 ? 7.506   -5.531  3.942   1.00 60.51 ? 2 DPN B CB  1 
HETATM 80  C CG  . DPN B 1 2 ? 8.131   -6.407  2.908   1.00 60.51 ? 2 DPN B CG  1 
HETATM 81  C CD1 . DPN B 1 2 ? 7.410   -6.829  1.815   1.00 60.51 ? 2 DPN B CD1 1 
HETATM 82  C CD2 . DPN B 1 2 ? 9.451   -6.796  3.025   1.00 60.51 ? 2 DPN B CD2 1 
HETATM 83  C CE1 . DPN B 1 2 ? 7.989   -7.626  0.865   1.00 60.51 ? 2 DPN B CE1 1 
HETATM 84  C CE2 . DPN B 1 2 ? 10.033  -7.594  2.076   1.00 60.51 ? 2 DPN B CE2 1 
HETATM 85  C CZ  . DPN B 1 2 ? 9.301   -8.012  0.995   1.00 60.51 ? 2 DPN B CZ  1 
HETATM 86  N N   . DPN B 1 3 ? 8.084   -7.396  6.430   1.00 54.01 ? 3 DPN B N   1 
HETATM 87  C CA  . DPN B 1 3 ? 8.788   -8.518  7.028   1.00 54.01 ? 3 DPN B CA  1 
HETATM 88  C C   . DPN B 1 3 ? 10.275  -8.328  6.779   1.00 54.01 ? 3 DPN B C   1 
HETATM 89  O O   . DPN B 1 3 ? 10.830  -7.267  7.078   1.00 54.01 ? 3 DPN B O   1 
HETATM 90  C CB  . DPN B 1 3 ? 8.514   -8.621  8.529   1.00 54.01 ? 3 DPN B CB  1 
HETATM 91  C CG  . DPN B 1 3 ? 7.094   -8.956  8.879   1.00 54.01 ? 3 DPN B CG  1 
HETATM 92  C CD1 . DPN B 1 3 ? 6.100   -8.987  7.922   1.00 54.01 ? 3 DPN B CD1 1 
HETATM 93  C CD2 . DPN B 1 3 ? 6.757   -9.252  10.185  1.00 54.01 ? 3 DPN B CD2 1 
HETATM 94  C CE1 . DPN B 1 3 ? 4.808   -9.297  8.253   1.00 54.01 ? 3 DPN B CE1 1 
HETATM 95  C CE2 . DPN B 1 3 ? 5.463   -9.566  10.522  1.00 54.01 ? 3 DPN B CE2 1 
HETATM 96  C CZ  . DPN B 1 3 ? 4.486   -9.587  9.555   1.00 54.01 ? 3 DPN B CZ  1 
HETATM 97  N N   . DSN B 1 4 ? 10.917  -9.354  6.232   1.00 52.14 ? 4 DSN B N   1 
HETATM 98  C CA  . DSN B 1 4 ? 12.361  -9.350  6.024   1.00 52.14 ? 4 DSN B CA  1 
HETATM 99  C C   . DSN B 1 4 ? 12.942  -10.570 6.722   1.00 52.14 ? 4 DSN B C   1 
HETATM 100 O O   . DSN B 1 4 ? 12.995  -11.667 6.165   1.00 52.14 ? 4 DSN B O   1 
HETATM 101 C CB  . DSN B 1 4 ? 12.709  -9.342  4.545   1.00 52.14 ? 4 DSN B CB  1 
HETATM 102 O OG  . DSN B 1 4 ? 14.098  -9.140  4.367   1.00 52.14 ? 4 DSN B OG  1 
HETATM 103 N N   . DTY B 1 5 ? 13.383  -10.369 7.955   1.00 44.35 ? 5 DTY B N   1 
HETATM 104 C CA  . DTY B 1 5 ? 13.948  -11.450 8.742   1.00 44.35 ? 5 DTY B CA  1 
HETATM 105 C C   . DTY B 1 5 ? 15.372  -11.751 8.301   1.00 44.35 ? 5 DTY B C   1 
HETATM 106 O O   . DTY B 1 5 ? 15.912  -11.079 7.423   1.00 44.35 ? 5 DTY B O   1 
HETATM 107 C CB  . DTY B 1 5 ? 13.914  -11.095 10.223  1.00 44.35 ? 5 DTY B CB  1 
HETATM 108 C CG  . DTY B 1 5 ? 12.520  -11.020 10.785  1.00 44.35 ? 5 DTY B CG  1 
HETATM 109 C CD1 . DTY B 1 5 ? 11.900  -12.142 11.302  1.00 44.35 ? 5 DTY B CD1 1 
HETATM 110 C CD2 . DTY B 1 5 ? 11.819  -9.830  10.788  1.00 44.35 ? 5 DTY B CD2 1 
HETATM 111 C CE1 . DTY B 1 5 ? 10.627  -12.076 11.818  1.00 44.35 ? 5 DTY B CE1 1 
HETATM 112 C CE2 . DTY B 1 5 ? 10.546  -9.755  11.298  1.00 44.35 ? 5 DTY B CE2 1 
HETATM 113 C CZ  . DTY B 1 5 ? 9.953   -10.880 11.811  1.00 44.35 ? 5 DTY B CZ  1 
HETATM 114 O OH  . DTY B 1 5 ? 8.679   -10.808 12.320  1.00 44.35 ? 5 DTY B OH  1 
HETATM 115 C C02 . UQ4 C 1 1 ? -10.686 4.065   2.482   1.00 75.73 ? 1 UQ4 C C02 1 
HETATM 116 C C50 . UQ4 C 1 1 ? -10.472 2.650   2.072   1.00 75.73 ? 1 UQ4 C C50 1 
HETATM 117 C C51 . UQ4 C 1 1 ? -10.494 1.692   3.234   1.00 75.73 ? 1 UQ4 C C51 1 
HETATM 118 C C53 . UQ4 C 1 1 ? -9.129  1.289   5.358   1.00 75.73 ? 1 UQ4 C C53 1 
HETATM 119 C C54 . UQ4 C 1 1 ? -7.789  1.201   5.611   1.00 75.73 ? 1 UQ4 C C54 1 
HETATM 120 C C55 . UQ4 C 1 1 ? -7.318  0.344   6.606   1.00 75.73 ? 1 UQ4 C C55 1 
HETATM 121 C C56 . UQ4 C 1 1 ? -8.223  -0.406  7.311   1.00 75.73 ? 1 UQ4 C C56 1 
HETATM 122 C C60 . UQ4 C 1 1 ? -9.569  -0.329  7.068   1.00 75.73 ? 1 UQ4 C C60 1 
HETATM 123 C C64 . UQ4 C 1 1 ? -10.037 0.535   6.069   1.00 75.73 ? 1 UQ4 C C64 1 
HETATM 124 N N52 . UQ4 C 1 1 ? -9.588  2.225   4.281   1.00 75.73 ? 1 UQ4 C N52 1 
HETATM 125 N N57 . UQ4 C 1 1 ? -7.737  -1.297  8.353   1.00 75.73 ? 1 UQ4 C N57 1 
HETATM 126 N N61 . UQ4 C 1 1 ? -10.656 -0.924  7.595   1.00 75.73 ? 1 UQ4 C N61 1 
HETATM 127 N N63 . UQ4 C 1 1 ? -11.377 0.407   6.050   1.00 75.73 ? 1 UQ4 C N63 1 
HETATM 128 O O01 . UQ4 C 1 1 ? -10.125 4.921   1.897   1.00 75.73 ? 1 UQ4 C O01 1 
HETATM 129 O O58 . UQ4 C 1 1 ? -6.547  -1.994  8.156   1.00 75.73 ? 1 UQ4 C O58 1 
HETATM 130 O O59 . UQ4 C 1 1 ? -8.352  -1.387  9.334   1.00 75.73 ? 1 UQ4 C O59 1 
HETATM 131 O O62 . UQ4 C 1 1 ? -11.705 -0.466  6.967   1.00 75.73 ? 1 UQ4 C O62 1 
HETATM 132 N N   . DPN C 1 2 ? -11.521 4.302   3.484   1.00 77.52 ? 2 DPN C N   1 
HETATM 133 C CA  . DPN C 1 2 ? -11.802 5.668   3.893   1.00 77.52 ? 2 DPN C CA  1 
HETATM 134 C C   . DPN C 1 2 ? -13.281 5.970   3.782   1.00 77.52 ? 2 DPN C C   1 
HETATM 135 O O   . DPN C 1 2 ? -14.119 5.082   3.914   1.00 77.52 ? 2 DPN C O   1 
HETATM 136 C CB  . DPN C 1 2 ? -11.335 5.918   5.318   1.00 77.52 ? 2 DPN C CB  1 
HETATM 137 C CG  . DPN C 1 2 ? -12.234 5.342   6.360   1.00 77.52 ? 2 DPN C CG  1 
HETATM 138 C CD1 . DPN C 1 2 ? -12.204 3.996   6.645   1.00 77.52 ? 2 DPN C CD1 1 
HETATM 139 C CD2 . DPN C 1 2 ? -13.101 6.151   7.065   1.00 77.52 ? 2 DPN C CD2 1 
HETATM 140 C CE1 . DPN C 1 2 ? -13.027 3.471   7.607   1.00 77.52 ? 2 DPN C CE1 1 
HETATM 141 C CE2 . DPN C 1 2 ? -13.925 5.630   8.026   1.00 77.52 ? 2 DPN C CE2 1 
HETATM 142 C CZ  . DPN C 1 2 ? -13.889 4.286   8.297   1.00 77.52 ? 2 DPN C CZ  1 
HETATM 143 N N   . DPN C 1 3 ? -13.597 7.239   3.542   1.00 73.13 ? 3 DPN C N   1 
HETATM 144 C CA  . DPN C 1 3 ? -14.970 7.684   3.378   1.00 73.13 ? 3 DPN C CA  1 
HETATM 145 C C   . DPN C 1 3 ? -15.319 8.580   4.555   1.00 73.13 ? 3 DPN C C   1 
HETATM 146 O O   . DPN C 1 3 ? -14.594 9.533   4.853   1.00 73.13 ? 3 DPN C O   1 
HETATM 147 C CB  . DPN C 1 3 ? -15.163 8.440   2.065   1.00 73.13 ? 3 DPN C CB  1 
HETATM 148 C CG  . DPN C 1 3 ? -14.984 7.601   0.831   1.00 73.13 ? 3 DPN C CG  1 
HETATM 149 C CD1 . DPN C 1 3 ? -14.513 6.306   0.901   1.00 73.13 ? 3 DPN C CD1 1 
HETATM 150 C CD2 . DPN C 1 3 ? -15.303 8.118   -0.408  1.00 73.13 ? 3 DPN C CD2 1 
HETATM 151 C CE1 . DPN C 1 3 ? -14.357 5.548   -0.230  1.00 73.13 ? 3 DPN C CE1 1 
HETATM 152 C CE2 . DPN C 1 3 ? -15.152 7.362   -1.545  1.00 73.13 ? 3 DPN C CE2 1 
HETATM 153 C CZ  . DPN C 1 3 ? -14.676 6.076   -1.455  1.00 73.13 ? 3 DPN C CZ  1 
HETATM 154 N N   . DSN C 1 4 ? -16.428 8.276   5.219   1.00 72.80 ? 4 DSN C N   1 
HETATM 155 C CA  . DSN C 1 4 ? -16.937 9.101   6.308   1.00 72.80 ? 4 DSN C CA  1 
HETATM 156 C C   . DSN C 1 4 ? -18.368 9.495   5.972   1.00 72.80 ? 4 DSN C C   1 
HETATM 157 O O   . DSN C 1 4 ? -19.319 8.765   6.253   1.00 72.80 ? 4 DSN C O   1 
HETATM 158 C CB  . DSN C 1 4 ? -16.861 8.374   7.639   1.00 72.80 ? 4 DSN C CB  1 
HETATM 159 O OG  . DSN C 1 4 ? -17.174 9.257   8.701   1.00 72.80 ? 4 DSN C OG  1 
HETATM 160 N N   . DTY C 1 5 ? -18.514 10.663  5.367   1.00 73.17 ? 5 DTY C N   1 
HETATM 161 C CA  . DTY C 1 5 ? -19.822 11.155  4.976   1.00 73.17 ? 5 DTY C CA  1 
HETATM 162 C C   . DTY C 1 5 ? -20.573 11.705  6.179   1.00 73.17 ? 5 DTY C C   1 
HETATM 163 O O   . DTY C 1 5 ? -20.043 11.740  7.287   1.00 73.17 ? 5 DTY C O   1 
HETATM 164 C CB  . DTY C 1 5 ? -19.683 12.225  3.903   1.00 73.17 ? 5 DTY C CB  1 
HETATM 165 C CG  . DTY C 1 5 ? -19.167 11.692  2.593   1.00 73.17 ? 5 DTY C CG  1 
HETATM 166 C CD1 . DTY C 1 5 ? -20.034 11.205  1.631   1.00 73.17 ? 5 DTY C CD1 1 
HETATM 167 C CD2 . DTY C 1 5 ? -17.813 11.664  2.322   1.00 73.17 ? 5 DTY C CD2 1 
HETATM 168 C CE1 . DTY C 1 5 ? -19.564 10.718  0.433   1.00 73.17 ? 5 DTY C CE1 1 
HETATM 169 C CE2 . DTY C 1 5 ? -17.335 11.178  1.129   1.00 73.17 ? 5 DTY C CE2 1 
HETATM 170 C CZ  . DTY C 1 5 ? -18.215 10.704  0.189   1.00 73.17 ? 5 DTY C CZ  1 
HETATM 171 O OH  . DTY C 1 5 ? -17.739 10.214  -1.003  1.00 73.17 ? 5 DTY C OH  1 
HETATM 172 C C02 . UQ4 D 1 1 ? -5.277  4.310   -4.843  1.00 79.66 ? 1 UQ4 D C02 1 
HETATM 173 C C50 . UQ4 D 1 1 ? -4.952  2.857   -4.842  1.00 79.66 ? 1 UQ4 D C50 1 
HETATM 174 C C51 . UQ4 D 1 1 ? -5.541  2.126   -3.664  1.00 79.66 ? 1 UQ4 D C51 1 
HETATM 175 C C53 . UQ4 D 1 1 ? -5.318  2.182   -1.118  1.00 79.66 ? 1 UQ4 D C53 1 
HETATM 176 C C54 . UQ4 D 1 1 ? -4.248  2.209   -0.270  1.00 79.66 ? 1 UQ4 D C54 1 
HETATM 177 C C55 . UQ4 D 1 1 ? -4.318  1.571   0.968   1.00 79.66 ? 1 UQ4 D C55 1 
HETATM 178 C C56 . UQ4 D 1 1 ? -5.474  0.915   1.305   1.00 79.66 ? 1 UQ4 D C56 1 
HETATM 179 C C60 . UQ4 D 1 1 ? -6.554  0.879   0.466   1.00 79.66 ? 1 UQ4 D C60 1 
HETATM 180 C C64 . UQ4 D 1 1 ? -6.478  1.523   -0.777  1.00 79.66 ? 1 UQ4 D C64 1 
HETATM 181 N N52 . UQ4 D 1 1 ? -5.196  2.884   -2.436  1.00 79.66 ? 1 UQ4 D N52 1 
HETATM 182 N N57 . UQ4 D 1 1 ? -5.553  0.253   2.599   1.00 79.66 ? 1 UQ4 D N57 1 
HETATM 183 N N61 . UQ4 D 1 1 ? -7.783  0.334   0.536   1.00 79.66 ? 1 UQ4 D N61 1 
HETATM 184 N N63 . UQ4 D 1 1 ? -7.666  1.327   -1.383  1.00 79.66 ? 1 UQ4 D N63 1 
HETATM 185 O O01 . UQ4 D 1 1 ? -4.477  5.073   -5.252  1.00 79.66 ? 1 UQ4 D O01 1 
HETATM 186 O O58 . UQ4 D 1 1 ? -4.435  -0.407  3.100   1.00 79.66 ? 1 UQ4 D O58 1 
HETATM 187 O O59 . UQ4 D 1 1 ? -6.554  0.310   3.188   1.00 79.66 ? 1 UQ4 D O59 1 
HETATM 188 O O62 . UQ4 D 1 1 ? -8.410  0.617   -0.574  1.00 79.66 ? 1 UQ4 D O62 1 
HETATM 189 N N   . DPN D 1 2 ? -6.469  4.681   -4.394  1.00 77.60 ? 2 DPN D N   1 
HETATM 190 C CA  . DPN D 1 2 ? -6.853  6.083   -4.417  1.00 77.60 ? 2 DPN D CA  1 
HETATM 191 C C   . DPN D 1 2 ? -8.104  6.285   -5.246  1.00 77.60 ? 2 DPN D C   1 
HETATM 192 O O   . DPN D 1 2 ? -8.942  5.392   -5.352  1.00 77.60 ? 2 DPN D O   1 
HETATM 193 C CB  . DPN D 1 2 ? -7.082  6.611   -3.011  1.00 77.60 ? 2 DPN D CB  1 
HETATM 194 C CG  . DPN D 1 2 ? -8.379  6.184   -2.410  1.00 77.60 ? 2 DPN D CG  1 
HETATM 195 C CD1 . DPN D 1 2 ? -8.535  4.917   -1.900  1.00 77.60 ? 2 DPN D CD1 1 
HETATM 196 C CD2 . DPN D 1 2 ? -9.441  7.064   -2.341  1.00 77.60 ? 2 DPN D CD2 1 
HETATM 197 C CE1 . DPN D 1 2 ? -9.726  4.532   -1.343  1.00 77.60 ? 2 DPN D CE1 1 
HETATM 198 C CE2 . DPN D 1 2 ? -10.634 6.683   -1.784  1.00 77.60 ? 2 DPN D CE2 1 
HETATM 199 C CZ  . DPN D 1 2 ? -10.777 5.413   -1.286  1.00 77.60 ? 2 DPN D CZ  1 
HETATM 200 N N   . DPN D 1 3 ? -8.225  7.471   -5.833  1.00 74.18 ? 3 DPN D N   1 
HETATM 201 C CA  . DPN D 1 3 ? -9.352  7.809   -6.685  1.00 74.18 ? 3 DPN D CA  1 
HETATM 202 C C   . DPN D 1 3 ? -10.167 8.884   -5.985  1.00 74.18 ? 3 DPN D C   1 
HETATM 203 O O   . DPN D 1 3 ? -9.625  9.911   -5.569  1.00 74.18 ? 3 DPN D O   1 
HETATM 204 C CB  . DPN D 1 3 ? -8.892  8.305   -8.055  1.00 74.18 ? 3 DPN D CB  1 
HETATM 205 C CG  . DPN D 1 3 ? -8.201  7.266   -8.894  1.00 74.18 ? 3 DPN D CG  1 
HETATM 206 C CD1 . DPN D 1 3 ? -7.864  6.031   -8.378  1.00 74.18 ? 3 DPN D CD1 1 
HETATM 207 C CD2 . DPN D 1 3 ? -7.898  7.535   -10.212 1.00 74.18 ? 3 DPN D CD2 1 
HETATM 208 C CE1 . DPN D 1 3 ? -7.236  5.091   -9.152  1.00 74.18 ? 3 DPN D CE1 1 
HETATM 209 C CE2 . DPN D 1 3 ? -7.271  6.595   -10.993 1.00 74.18 ? 3 DPN D CE2 1 
HETATM 210 C CZ  . DPN D 1 3 ? -6.938  5.372   -10.462 1.00 74.18 ? 3 DPN D CZ  1 
HETATM 211 N N   . DSN D 1 4 ? -11.468 8.648   -5.858  1.00 74.01 ? 4 DSN D N   1 
HETATM 212 C CA  . DSN D 1 4 ? -12.387 9.630   -5.294  1.00 74.01 ? 4 DSN D CA  1 
HETATM 213 C C   . DSN D 1 4 ? -13.489 9.884   -6.313  1.00 74.01 ? 4 DSN D C   1 
HETATM 214 O O   . DSN D 1 4 ? -14.491 9.170   -6.369  1.00 74.01 ? 4 DSN D O   1 
HETATM 215 C CB  . DSN D 1 4 ? -12.959 9.159   -3.969  1.00 74.01 ? 4 DSN D CB  1 
HETATM 216 O OG  . DSN D 1 4 ? -13.689 10.202  -3.348  1.00 74.01 ? 4 DSN D OG  1 
HETATM 217 N N   . DTY D 1 5 ? -13.297 10.915  -7.121  1.00 72.47 ? 5 DTY D N   1 
HETATM 218 C CA  . DTY D 1 5 ? -14.261 11.260  -8.149  1.00 72.47 ? 5 DTY D CA  1 
HETATM 219 C C   . DTY D 1 5 ? -15.458 11.980  -7.547  1.00 72.47 ? 5 DTY D C   1 
HETATM 220 O O   . DTY D 1 5 ? -15.493 12.240  -6.345  1.00 72.47 ? 5 DTY D O   1 
HETATM 221 C CB  . DTY D 1 5 ? -13.604 12.125  -9.216  1.00 72.47 ? 5 DTY D CB  1 
HETATM 222 C CG  . DTY D 1 5 ? -12.566 11.392  -10.023 1.00 72.47 ? 5 DTY D CG  1 
HETATM 223 C CD1 . DTY D 1 5 ? -12.914 10.696  -11.166 1.00 72.47 ? 5 DTY D CD1 1 
HETATM 224 C CD2 . DTY D 1 5 ? -11.240 11.384  -9.633  1.00 72.47 ? 5 DTY D CD2 1 
HETATM 225 C CE1 . DTY D 1 5 ? -11.967 10.025  -11.903 1.00 72.47 ? 5 DTY D CE1 1 
HETATM 226 C CE2 . DTY D 1 5 ? -10.288 10.715  -10.363 1.00 72.47 ? 5 DTY D CE2 1 
HETATM 227 C CZ  . DTY D 1 5 ? -10.656 10.036  -11.497 1.00 72.47 ? 5 DTY D CZ  1 
HETATM 228 O OH  . DTY D 1 5 ? -9.706  9.363   -12.228 1.00 72.47 ? 5 DTY D OH  1 
HETATM 229 C C02 . UQ4 E 1 1 ? 9.618   -5.971  -3.142  1.00 72.15 ? 1 UQ4 E C02 1 
HETATM 230 C C50 . UQ4 E 1 1 ? 8.206   -6.447  -3.153  1.00 72.15 ? 1 UQ4 E C50 1 
HETATM 231 C C51 . UQ4 E 1 1 ? 7.583   -6.402  -4.524  1.00 72.15 ? 1 UQ4 E C51 1 
HETATM 232 C C53 . UQ4 E 1 1 ? 7.000   -4.621  -6.262  1.00 72.15 ? 1 UQ4 E C53 1 
HETATM 233 C C54 . UQ4 E 1 1 ? 6.372   -3.410  -6.192  1.00 72.15 ? 1 UQ4 E C54 1 
HETATM 234 C C55 . UQ4 E 1 1 ? 5.588   -2.964  -7.256  1.00 72.15 ? 1 UQ4 E C55 1 
HETATM 235 C C56 . UQ4 E 1 1 ? 5.456   -3.768  -8.359  1.00 72.15 ? 1 UQ4 E C56 1 
HETATM 236 C C60 . UQ4 E 1 1 ? 6.080   -4.983  -8.444  1.00 72.15 ? 1 UQ4 E C60 1 
HETATM 237 C C64 . UQ4 E 1 1 ? 6.868   -5.426  -7.372  1.00 72.15 ? 1 UQ4 E C64 1 
HETATM 238 N N52 . UQ4 E 1 1 ? 7.834   -5.056  -5.095  1.00 72.15 ? 1 UQ4 E N52 1 
HETATM 239 N N57 . UQ4 E 1 1 ? 4.645   -3.303  -9.473  1.00 72.15 ? 1 UQ4 E N57 1 
HETATM 240 N N61 . UQ4 E 1 1 ? 6.136   -5.950  -9.379  1.00 72.15 ? 1 UQ4 E N61 1 
HETATM 241 N N63 . UQ4 E 1 1 ? 7.349   -6.635  -7.725  1.00 72.15 ? 1 UQ4 E N63 1 
HETATM 242 O O01 . UQ4 E 1 1 ? 10.013  -5.383  -2.201  1.00 72.15 ? 1 UQ4 E O01 1 
HETATM 243 O O58 . UQ4 E 1 1 ? 3.469   -2.603  -9.217  1.00 72.15 ? 1 UQ4 E O58 1 
HETATM 244 O O59 . UQ4 E 1 1 ? 5.014   -3.518  -10.554 1.00 72.15 ? 1 UQ4 E O59 1 
HETATM 245 O O62 . UQ4 E 1 1 ? 6.892   -6.908  -8.920  1.00 72.15 ? 1 UQ4 E O62 1 
HETATM 246 N N   . DPN E 1 2 ? 10.374  -6.248  -4.194  1.00 69.56 ? 2 DPN E N   1 
HETATM 247 C CA  . DPN E 1 2 ? 11.770  -5.847  -4.213  1.00 69.56 ? 2 DPN E CA  1 
HETATM 248 C C   . DPN E 1 2 ? 12.675  -7.050  -4.382  1.00 69.56 ? 2 DPN E C   1 
HETATM 249 O O   . DPN E 1 2 ? 12.291  -8.048  -4.985  1.00 69.56 ? 2 DPN E O   1 
HETATM 250 C CB  . DPN E 1 2 ? 12.037  -4.848  -5.328  1.00 69.56 ? 2 DPN E CB  1 
HETATM 251 C CG  . DPN E 1 2 ? 12.117  -5.462  -6.685  1.00 69.56 ? 2 DPN E CG  1 
HETATM 252 C CD1 . DPN E 1 2 ? 10.973  -5.826  -7.359  1.00 69.56 ? 2 DPN E CD1 1 
HETATM 253 C CD2 . DPN E 1 2 ? 13.340  -5.665  -7.294  1.00 69.56 ? 2 DPN E CD2 1 
HETATM 254 C CE1 . DPN E 1 2 ? 11.049  -6.386  -8.608  1.00 69.56 ? 2 DPN E CE1 1 
HETATM 255 C CE2 . DPN E 1 2 ? 13.418  -6.223  -8.542  1.00 69.56 ? 2 DPN E CE2 1 
HETATM 256 C CZ  . DPN E 1 2 ? 12.272  -6.586  -9.200  1.00 69.56 ? 2 DPN E CZ  1 
HETATM 257 N N   . DPN E 1 3 ? 13.885  -6.944  -3.845  1.00 69.05 ? 3 DPN E N   1 
HETATM 258 C CA  . DPN E 1 3 ? 14.858  -8.022  -3.894  1.00 69.05 ? 3 DPN E CA  1 
HETATM 259 C C   . DPN E 1 3 ? 16.010  -7.579  -4.780  1.00 69.05 ? 3 DPN E C   1 
HETATM 260 O O   . DPN E 1 3 ? 16.577  -6.502  -4.579  1.00 69.05 ? 3 DPN E O   1 
HETATM 261 C CB  . DPN E 1 3 ? 15.373  -8.378  -2.500  1.00 69.05 ? 3 DPN E CB  1 
HETATM 262 C CG  . DPN E 1 3 ? 14.337  -8.968  -1.585  1.00 69.05 ? 3 DPN E CG  1 
HETATM 263 C CD1 . DPN E 1 3 ? 13.003  -9.009  -1.936  1.00 69.05 ? 3 DPN E CD1 1 
HETATM 264 C CD2 . DPN E 1 3 ? 14.713  -9.494  -0.366  1.00 69.05 ? 3 DPN E CD2 1 
HETATM 265 C CE1 . DPN E 1 3 ? 12.067  -9.552  -1.095  1.00 69.05 ? 3 DPN E CE1 1 
HETATM 266 C CE2 . DPN E 1 3 ? 13.779  -10.042 0.480   1.00 69.05 ? 3 DPN E CE2 1 
HETATM 267 C CZ  . DPN E 1 3 ? 12.455  -10.069 0.115   1.00 69.05 ? 3 DPN E CZ  1 
HETATM 268 N N   . DSN E 1 4 ? 16.354  -8.409  -5.757  1.00 69.56 ? 4 DSN E N   1 
HETATM 269 C CA  . DSN E 1 4 ? 17.499  -8.161  -6.626  1.00 69.56 ? 4 DSN E CA  1 
HETATM 270 C C   . DSN E 1 4 ? 18.420  -9.369  -6.548  1.00 69.56 ? 4 DSN E C   1 
HETATM 271 O O   . DSN E 1 4 ? 18.254  -10.354 -7.266  1.00 69.56 ? 4 DSN E O   1 
HETATM 272 C CB  . DSN E 1 4 ? 17.065  -7.889  -8.056  1.00 69.56 ? 4 DSN E CB  1 
HETATM 273 O OG  . DSN E 1 4 ? 18.167  -7.461  -8.833  1.00 69.56 ? 4 DSN E OG  1 
HETATM 274 N N   . DTY E 1 5 ? 19.404  -9.283  -5.664  1.00 68.76 ? 5 DTY E N   1 
HETATM 275 C CA  . DTY E 1 5 ? 20.348  -10.370 -5.475  1.00 68.76 ? 5 DTY E CA  1 
HETATM 276 C C   . DTY E 1 5 ? 21.379  -10.389 -6.593  1.00 68.76 ? 5 DTY E C   1 
HETATM 277 O O   . DTY E 1 5 ? 21.371  -9.527  -7.469  1.00 68.76 ? 5 DTY E O   1 
HETATM 278 C CB  . DTY E 1 5 ? 21.034  -10.240 -4.123  1.00 68.76 ? 5 DTY E CB  1 
HETATM 279 C CG  . DTY E 1 5 ? 20.103  -10.454 -2.959  1.00 68.76 ? 5 DTY E CG  1 
HETATM 280 C CD1 . DTY E 1 5 ? 19.889  -11.719 -2.443  1.00 68.76 ? 5 DTY E CD1 1 
HETATM 281 C CD2 . DTY E 1 5 ? 19.429  -9.395  -2.386  1.00 68.76 ? 5 DTY E CD2 1 
HETATM 282 C CE1 . DTY E 1 5 ? 19.040  -11.917 -1.379  1.00 68.76 ? 5 DTY E CE1 1 
HETATM 283 C CE2 . DTY E 1 5 ? 18.575  -9.582  -1.325  1.00 68.76 ? 5 DTY E CE2 1 
HETATM 284 C CZ  . DTY E 1 5 ? 18.384  -10.846 -0.825  1.00 68.76 ? 5 DTY E CZ  1 
HETATM 285 O OH  . DTY E 1 5 ? 17.530  -11.039 0.233   1.00 68.76 ? 5 DTY E OH  1 
HETATM 286 C C02 . UQ4 F 1 1 ? 2.200   1.797   -7.723  1.00 80.00 ? 1 UQ4 F C02 1 
HETATM 287 C C50 . UQ4 F 1 1 ? 2.169   0.389   -7.240  1.00 80.00 ? 1 UQ4 F C50 1 
HETATM 288 C C51 . UQ4 F 1 1 ? 0.873   0.031   -6.562  1.00 80.00 ? 1 UQ4 F C51 1 
HETATM 289 C C53 . UQ4 F 1 1 ? -0.436  0.775   -4.496  1.00 80.00 ? 1 UQ4 F C53 1 
HETATM 290 C C54 . UQ4 F 1 1 ? -0.088  0.997   -3.194  1.00 80.00 ? 1 UQ4 F C54 1 
HETATM 291 C C55 . UQ4 F 1 1 ? -0.995  0.727   -2.170  1.00 80.00 ? 1 UQ4 F C55 1 
HETATM 292 C C56 . UQ4 F 1 1 ? -2.228  0.228   -2.498  1.00 80.00 ? 1 UQ4 F C56 1 
HETATM 293 C C60 . UQ4 F 1 1 ? -2.593  0.001   -3.799  1.00 80.00 ? 1 UQ4 F C60 1 
HETATM 294 C C64 . UQ4 F 1 1 ? -1.676  0.276   -4.825  1.00 80.00 ? 1 UQ4 F C64 1 
HETATM 295 N N52 . UQ4 F 1 1 ? 0.572   1.084   -5.562  1.00 80.00 ? 1 UQ4 F N52 1 
HETATM 296 N N57 . UQ4 F 1 1 ? -3.180  -0.050  -1.433  1.00 80.00 ? 1 UQ4 F N57 1 
HETATM 297 N N61 . UQ4 F 1 1 ? -3.706  -0.460  -4.398  1.00 80.00 ? 1 UQ4 F N61 1 
HETATM 298 N N63 . UQ4 F 1 1 ? -2.293  -0.037  -5.980  1.00 80.00 ? 1 UQ4 F N63 1 
HETATM 299 O O01 . UQ4 F 1 1 ? 3.218   2.389   -7.690  1.00 80.00 ? 1 UQ4 F O01 1 
HETATM 300 O O58 . UQ4 F 1 1 ? -2.724  -0.585  -0.232  1.00 80.00 ? 1 UQ4 F O58 1 
HETATM 301 O O59 . UQ4 F 1 1 ? -4.300  0.202   -1.613  1.00 80.00 ? 1 UQ4 F O59 1 
HETATM 302 O O62 . UQ4 F 1 1 ? -3.491  -0.470  -5.685  1.00 80.00 ? 1 UQ4 F O62 1 
HETATM 303 N N   . DPN F 1 2 ? 1.073   2.318   -8.191  1.00 79.60 ? 2 DPN F N   1 
HETATM 304 C CA  . DPN F 1 2 ? 1.060   3.671   -8.719  1.00 79.60 ? 2 DPN F CA  1 
HETATM 305 C C   . DPN F 1 2 ? 0.603   3.682   -10.163 1.00 79.60 ? 2 DPN F C   1 
HETATM 306 O O   . DPN F 1 2 ? -0.168  2.824   -10.587 1.00 79.60 ? 2 DPN F O   1 
HETATM 307 C CB  . DPN F 1 2 ? 0.159   4.573   -7.892  1.00 79.60 ? 2 DPN F CB  1 
HETATM 308 C CG  . DPN F 1 2 ? -1.297  4.375   -8.153  1.00 79.60 ? 2 DPN F CG  1 
HETATM 309 C CD1 . DPN F 1 2 ? -1.968  3.301   -7.612  1.00 79.60 ? 2 DPN F CD1 1 
HETATM 310 C CD2 . DPN F 1 2 ? -2.000  5.275   -8.928  1.00 79.60 ? 2 DPN F CD2 1 
HETATM 311 C CE1 . DPN F 1 2 ? -3.306  3.125   -7.850  1.00 79.60 ? 2 DPN F CE1 1 
HETATM 312 C CE2 . DPN F 1 2 ? -3.337  5.103   -9.166  1.00 79.60 ? 2 DPN F CE2 1 
HETATM 313 C CZ  . DPN F 1 2 ? -3.991  4.025   -8.627  1.00 79.60 ? 2 DPN F CZ  1 
HETATM 314 N N   . DPN F 1 3 ? 1.084   4.666   -10.915 1.00 80.63 ? 3 DPN F N   1 
HETATM 315 C CA  . DPN F 1 3 ? 0.766   4.796   -12.327 1.00 80.63 ? 3 DPN F CA  1 
HETATM 316 C C   . DPN F 1 3 ? -0.074  6.049   -12.508 1.00 80.63 ? 3 DPN F C   1 
HETATM 317 O O   . DPN F 1 3 ? 0.309   7.132   -12.056 1.00 80.63 ? 3 DPN F O   1 
HETATM 318 C CB  . DPN F 1 3 ? 2.029   4.879   -13.184 1.00 80.63 ? 3 DPN F CB  1 
HETATM 319 C CG  . DPN F 1 3 ? 2.859   3.628   -13.192 1.00 80.63 ? 3 DPN F CG  1 
HETATM 320 C CD1 . DPN F 1 3 ? 2.580   2.570   -12.351 1.00 80.63 ? 3 DPN F CD1 1 
HETATM 321 C CD2 . DPN F 1 3 ? 3.924   3.513   -14.062 1.00 80.63 ? 3 DPN F CD2 1 
HETATM 322 C CE1 . DPN F 1 3 ? 3.344   1.433   -12.369 1.00 80.63 ? 3 DPN F CE1 1 
HETATM 323 C CE2 . DPN F 1 3 ? 4.690   2.373   -14.086 1.00 80.63 ? 3 DPN F CE2 1 
HETATM 324 C CZ  . DPN F 1 3 ? 4.401   1.332   -13.238 1.00 80.63 ? 3 DPN F CZ  1 
HETATM 325 N N   . DSN F 1 4 ? -1.217  5.901   -13.167 1.00 75.83 ? 4 DSN F N   1 
HETATM 326 C CA  . DSN F 1 4 ? -2.078  7.032   -13.498 1.00 75.83 ? 4 DSN F CA  1 
HETATM 327 C C   . DSN F 1 4 ? -2.296  7.035   -15.004 1.00 75.83 ? 4 DSN F C   1 
HETATM 328 O O   . DSN F 1 4 ? -3.188  6.368   -15.526 1.00 75.83 ? 4 DSN F O   1 
HETATM 329 C CB  . DSN F 1 4 ? -3.397  6.964   -12.750 1.00 75.83 ? 4 DSN F CB  1 
HETATM 330 O OG  . DSN F 1 4 ? -4.130  8.162   -12.931 1.00 75.83 ? 4 DSN F OG  1 
HETATM 331 N N   . DTY F 1 5 ? -1.467  7.798   -15.702 1.00 79.26 ? 5 DTY F N   1 
HETATM 332 C CA  . DTY F 1 5 ? -1.555  7.881   -17.148 1.00 79.26 ? 5 DTY F CA  1 
HETATM 333 C C   . DTY F 1 5 ? -2.707  8.779   -17.569 1.00 79.26 ? 5 DTY F C   1 
HETATM 334 O O   . DTY F 1 5 ? -3.389  9.361   -16.727 1.00 79.26 ? 5 DTY F O   1 
HETATM 335 C CB  . DTY F 1 5 ? -0.242  8.396   -17.724 1.00 79.26 ? 5 DTY F CB  1 
HETATM 336 C CG  . DTY F 1 5 ? 0.903   7.433   -17.554 1.00 79.26 ? 5 DTY F CG  1 
HETATM 337 C CD1 . DTY F 1 5 ? 1.162   6.463   -18.503 1.00 79.26 ? 5 DTY F CD1 1 
HETATM 338 C CD2 . DTY F 1 5 ? 1.714   7.487   -16.438 1.00 79.26 ? 5 DTY F CD2 1 
HETATM 339 C CE1 . DTY F 1 5 ? 2.209   5.583   -18.350 1.00 79.26 ? 5 DTY F CE1 1 
HETATM 340 C CE2 . DTY F 1 5 ? 2.759   6.611   -16.275 1.00 79.26 ? 5 DTY F CE2 1 
HETATM 341 C CZ  . DTY F 1 5 ? 3.002   5.659   -17.232 1.00 79.26 ? 5 DTY F CZ  1 
HETATM 342 O OH  . DTY F 1 5 ? 4.045   4.780   -17.072 1.00 79.26 ? 5 DTY F OH  1 
# 
